data_2KHG
#
_entry.id   2KHG
#
_entity_poly.entity_id   1
_entity_poly.type   'polypeptide(L)'
_entity_poly.pdbx_seq_one_letter_code
;GAWKNFWSSLRKGFYDGEAGRAIRR
;
_entity_poly.pdbx_strand_id   A
#
# COMPACT_ATOMS: atom_id res chain seq x y z
N GLY A 1 2.78 -3.53 -17.44
CA GLY A 1 3.62 -2.38 -17.17
C GLY A 1 2.83 -1.16 -16.77
N ALA A 2 2.24 -0.50 -17.77
CA ALA A 2 1.44 0.70 -17.53
C ALA A 2 0.29 0.41 -16.57
N TRP A 3 -0.19 -0.84 -16.58
CA TRP A 3 -1.29 -1.24 -15.72
C TRP A 3 -0.79 -1.55 -14.32
N LYS A 4 0.43 -2.08 -14.22
CA LYS A 4 1.01 -2.41 -12.93
C LYS A 4 1.39 -1.16 -12.16
N ASN A 5 1.74 -0.09 -12.88
CA ASN A 5 2.11 1.16 -12.25
C ASN A 5 1.01 1.65 -11.31
N PHE A 6 -0.24 1.50 -11.74
CA PHE A 6 -1.38 1.93 -10.93
C PHE A 6 -1.44 1.14 -9.63
N TRP A 7 -1.28 -0.17 -9.73
CA TRP A 7 -1.32 -1.04 -8.55
C TRP A 7 -0.23 -0.65 -7.56
N SER A 8 0.94 -0.28 -8.08
CA SER A 8 2.06 0.11 -7.24
C SER A 8 1.70 1.29 -6.36
N SER A 9 0.91 2.22 -6.90
CA SER A 9 0.50 3.40 -6.16
C SER A 9 -0.41 3.02 -5.00
N LEU A 10 -1.48 2.29 -5.31
CA LEU A 10 -2.44 1.86 -4.28
C LEU A 10 -1.71 1.18 -3.12
N ARG A 11 -0.77 0.31 -3.46
CA ARG A 11 -0.01 -0.41 -2.44
C ARG A 11 0.65 0.55 -1.47
N LYS A 12 1.43 1.49 -2.00
CA LYS A 12 2.12 2.47 -1.18
C LYS A 12 1.12 3.29 -0.36
N GLY A 13 -0.07 3.49 -0.91
CA GLY A 13 -1.09 4.24 -0.21
C GLY A 13 -1.67 3.50 0.97
N PHE A 14 -2.06 2.25 0.75
CA PHE A 14 -2.63 1.43 1.82
C PHE A 14 -1.59 1.12 2.89
N TYR A 15 -0.33 1.11 2.48
CA TYR A 15 0.78 0.83 3.40
C TYR A 15 0.78 1.83 4.56
N ASP A 16 0.34 3.06 4.28
CA ASP A 16 0.30 4.11 5.29
C ASP A 16 -1.13 4.30 5.80
N GLY A 17 -1.88 3.22 5.88
CA GLY A 17 -3.25 3.29 6.36
C GLY A 17 -3.55 2.26 7.43
N GLU A 18 -3.23 1.00 7.15
CA GLU A 18 -3.48 -0.08 8.10
C GLU A 18 -2.25 -0.30 8.99
N ALA A 19 -1.08 -0.40 8.38
CA ALA A 19 0.15 -0.60 9.11
C ALA A 19 0.43 0.55 10.06
N GLY A 20 -0.12 1.72 9.74
CA GLY A 20 0.07 2.89 10.59
C GLY A 20 -0.38 2.65 12.01
N ARG A 21 -1.34 1.76 12.19
CA ARG A 21 -1.86 1.45 13.52
C ARG A 21 -1.12 0.27 14.13
N ALA A 22 -0.82 -0.74 13.31
CA ALA A 22 -0.11 -1.92 13.78
C ALA A 22 0.57 -2.64 12.62
N ILE A 23 1.85 -2.96 12.79
CA ILE A 23 2.62 -3.64 11.77
C ILE A 23 2.63 -5.15 12.00
N ARG A 24 2.73 -5.55 13.26
CA ARG A 24 2.76 -6.96 13.63
C ARG A 24 1.56 -7.31 14.52
N ARG A 25 1.16 -6.36 15.35
CA ARG A 25 0.04 -6.57 16.26
C ARG A 25 -1.29 -6.32 15.55
N GLY A 1 4.47 -4.08 -16.39
CA GLY A 1 3.70 -3.28 -17.33
C GLY A 1 3.14 -2.03 -16.68
N ALA A 2 2.77 -1.06 -17.51
CA ALA A 2 2.22 0.20 -17.01
C ALA A 2 0.99 -0.05 -16.16
N TRP A 3 0.27 -1.12 -16.45
CA TRP A 3 -0.93 -1.47 -15.69
C TRP A 3 -0.60 -1.68 -14.22
N LYS A 4 0.58 -2.23 -13.95
CA LYS A 4 1.00 -2.48 -12.58
C LYS A 4 1.32 -1.18 -11.85
N ASN A 5 1.69 -0.15 -12.62
CA ASN A 5 2.01 1.15 -12.06
C ASN A 5 0.88 1.66 -11.16
N PHE A 6 -0.34 1.64 -11.68
CA PHE A 6 -1.50 2.08 -10.93
C PHE A 6 -1.62 1.33 -9.61
N TRP A 7 -1.56 0.00 -9.68
CA TRP A 7 -1.66 -0.83 -8.49
C TRP A 7 -0.55 -0.51 -7.50
N SER A 8 0.63 -0.20 -8.02
CA SER A 8 1.79 0.14 -7.19
C SER A 8 1.50 1.36 -6.33
N SER A 9 0.87 2.36 -6.93
CA SER A 9 0.54 3.59 -6.22
C SER A 9 -0.44 3.31 -5.07
N LEU A 10 -1.55 2.66 -5.40
CA LEU A 10 -2.57 2.33 -4.41
C LEU A 10 -1.96 1.59 -3.23
N ARG A 11 -1.05 0.66 -3.53
CA ARG A 11 -0.39 -0.11 -2.48
C ARG A 11 0.31 0.80 -1.48
N LYS A 12 1.06 1.76 -1.99
CA LYS A 12 1.77 2.70 -1.13
C LYS A 12 0.81 3.43 -0.20
N GLY A 13 -0.39 3.70 -0.70
CA GLY A 13 -1.38 4.39 0.11
C GLY A 13 -1.86 3.55 1.28
N PHE A 14 -2.25 2.32 1.00
CA PHE A 14 -2.73 1.42 2.04
C PHE A 14 -1.60 1.04 3.00
N TYR A 15 -0.37 1.05 2.50
CA TYR A 15 0.79 0.72 3.30
C TYR A 15 0.84 1.56 4.57
N ASP A 16 0.37 2.80 4.47
CA ASP A 16 0.37 3.71 5.60
C ASP A 16 -1.06 3.97 6.08
N GLY A 17 -1.95 3.01 5.83
CA GLY A 17 -3.33 3.15 6.24
C GLY A 17 -3.72 2.18 7.33
N GLU A 18 -3.51 0.88 7.08
CA GLU A 18 -3.84 -0.16 8.04
C GLU A 18 -2.67 -0.41 8.99
N ALA A 19 -1.49 -0.61 8.43
CA ALA A 19 -0.30 -0.86 9.22
C ALA A 19 0.09 0.37 10.03
N GLY A 20 -0.33 1.54 9.57
CA GLY A 20 -0.02 2.77 10.27
C GLY A 20 -0.49 2.75 11.71
N ARG A 21 -1.62 2.10 11.95
CA ARG A 21 -2.17 2.01 13.30
C ARG A 21 -1.51 0.89 14.09
N ALA A 22 -1.20 -0.21 13.40
CA ALA A 22 -0.56 -1.35 14.03
C ALA A 22 -0.06 -2.35 12.99
N ILE A 23 1.19 -2.77 13.14
CA ILE A 23 1.78 -3.72 12.21
C ILE A 23 1.69 -5.15 12.75
N ARG A 24 2.05 -5.33 14.01
CA ARG A 24 2.01 -6.64 14.65
C ARG A 24 1.01 -6.65 15.80
N ARG A 25 0.96 -5.55 16.54
CA ARG A 25 0.04 -5.43 17.68
C ARG A 25 -1.20 -4.65 17.29
N GLY A 1 4.62 -2.22 -18.30
CA GLY A 1 3.73 -2.37 -17.17
C GLY A 1 3.07 -1.06 -16.77
N ALA A 2 2.57 -0.34 -17.76
CA ALA A 2 1.91 0.94 -17.51
C ALA A 2 0.65 0.75 -16.66
N TRP A 3 0.07 -0.43 -16.73
CA TRP A 3 -1.14 -0.74 -15.98
C TRP A 3 -0.80 -1.11 -14.54
N LYS A 4 0.36 -1.72 -14.35
CA LYS A 4 0.81 -2.13 -13.02
C LYS A 4 1.19 -0.91 -12.18
N ASN A 5 1.60 0.16 -12.86
CA ASN A 5 2.00 1.38 -12.18
C ASN A 5 0.92 1.83 -11.19
N PHE A 6 -0.32 1.94 -11.68
CA PHE A 6 -1.44 2.36 -10.85
C PHE A 6 -1.56 1.47 -9.61
N TRP A 7 -1.58 0.17 -9.82
CA TRP A 7 -1.69 -0.78 -8.72
C TRP A 7 -0.55 -0.60 -7.73
N SER A 8 0.61 -0.21 -8.23
CA SER A 8 1.79 0.00 -7.39
C SER A 8 1.56 1.17 -6.43
N SER A 9 0.95 2.24 -6.95
CA SER A 9 0.68 3.43 -6.14
C SER A 9 -0.27 3.10 -5.00
N LEU A 10 -1.40 2.51 -5.34
CA LEU A 10 -2.41 2.14 -4.34
C LEU A 10 -1.78 1.32 -3.22
N ARG A 11 -0.86 0.43 -3.57
CA ARG A 11 -0.18 -0.40 -2.59
C ARG A 11 0.42 0.44 -1.48
N LYS A 12 1.15 1.49 -1.85
CA LYS A 12 1.77 2.37 -0.87
C LYS A 12 0.73 2.98 0.06
N GLY A 13 -0.45 3.30 -0.49
CA GLY A 13 -1.50 3.88 0.31
C GLY A 13 -1.94 2.97 1.45
N PHE A 14 -2.30 1.73 1.11
CA PHE A 14 -2.73 0.77 2.11
C PHE A 14 -1.58 0.38 3.03
N TYR A 15 -0.36 0.43 2.50
CA TYR A 15 0.82 0.08 3.27
C TYR A 15 0.90 0.89 4.56
N ASP A 16 0.39 2.11 4.51
CA ASP A 16 0.40 2.99 5.68
C ASP A 16 -1.03 3.21 6.19
N GLY A 17 -1.89 2.23 5.96
CA GLY A 17 -3.27 2.34 6.40
C GLY A 17 -3.60 1.34 7.50
N GLU A 18 -3.37 0.06 7.22
CA GLU A 18 -3.65 -0.99 8.19
C GLU A 18 -2.45 -1.22 9.11
N ALA A 19 -1.26 -1.23 8.53
CA ALA A 19 -0.04 -1.44 9.30
C ALA A 19 0.21 -0.28 10.25
N GLY A 20 -0.34 0.88 9.92
CA GLY A 20 -0.16 2.05 10.75
C GLY A 20 -0.72 1.86 12.14
N ARG A 21 -1.63 0.91 12.29
CA ARG A 21 -2.24 0.62 13.58
C ARG A 21 -1.63 -0.63 14.22
N ALA A 22 -1.41 -1.66 13.39
CA ALA A 22 -0.83 -2.91 13.86
C ALA A 22 -0.11 -3.64 12.74
N ILE A 23 1.19 -3.89 12.94
CA ILE A 23 1.99 -4.58 11.94
C ILE A 23 2.10 -6.07 12.25
N ARG A 24 2.53 -6.38 13.47
CA ARG A 24 2.68 -7.77 13.91
C ARG A 24 2.20 -7.94 15.35
N ARG A 25 1.24 -7.11 15.75
CA ARG A 25 0.71 -7.18 17.11
C ARG A 25 -0.75 -7.67 17.09
N GLY A 1 4.50 -2.97 -17.41
CA GLY A 1 3.11 -3.09 -16.98
C GLY A 1 2.49 -1.75 -16.66
N ALA A 2 2.15 -0.99 -17.70
CA ALA A 2 1.54 0.32 -17.52
C ALA A 2 0.32 0.24 -16.61
N TRP A 3 -0.34 -0.91 -16.62
CA TRP A 3 -1.52 -1.11 -15.79
C TRP A 3 -1.14 -1.36 -14.33
N LYS A 4 -0.01 -2.03 -14.13
CA LYS A 4 0.47 -2.33 -12.79
C LYS A 4 0.94 -1.07 -12.08
N ASN A 5 1.35 -0.08 -12.87
CA ASN A 5 1.82 1.19 -12.32
C ASN A 5 0.81 1.77 -11.34
N PHE A 6 -0.43 1.93 -11.81
CA PHE A 6 -1.49 2.47 -10.98
C PHE A 6 -1.60 1.72 -9.65
N TRP A 7 -1.66 0.39 -9.75
CA TRP A 7 -1.77 -0.45 -8.56
C TRP A 7 -0.56 -0.25 -7.64
N SER A 8 0.59 0.02 -8.25
CA SER A 8 1.81 0.23 -7.49
C SER A 8 1.68 1.42 -6.56
N SER A 9 1.08 2.49 -7.06
CA SER A 9 0.89 3.71 -6.27
C SER A 9 -0.05 3.46 -5.10
N LEU A 10 -1.23 2.93 -5.40
CA LEU A 10 -2.23 2.64 -4.38
C LEU A 10 -1.63 1.78 -3.27
N ARG A 11 -0.84 0.78 -3.66
CA ARG A 11 -0.21 -0.11 -2.69
C ARG A 11 0.55 0.69 -1.63
N LYS A 12 1.44 1.56 -2.08
CA LYS A 12 2.23 2.39 -1.17
C LYS A 12 1.33 3.22 -0.27
N GLY A 13 0.13 3.54 -0.76
CA GLY A 13 -0.81 4.32 0.02
C GLY A 13 -1.42 3.53 1.15
N PHE A 14 -1.99 2.37 0.83
CA PHE A 14 -2.62 1.53 1.84
C PHE A 14 -1.59 0.98 2.82
N TYR A 15 -0.35 0.88 2.36
CA TYR A 15 0.74 0.37 3.19
C TYR A 15 0.89 1.22 4.45
N ASP A 16 0.57 2.50 4.34
CA ASP A 16 0.67 3.42 5.48
C ASP A 16 -0.71 3.75 6.02
N GLY A 17 -1.60 2.76 6.02
CA GLY A 17 -2.95 2.98 6.51
C GLY A 17 -3.38 1.92 7.50
N GLU A 18 -3.28 0.66 7.10
CA GLU A 18 -3.66 -0.46 7.96
C GLU A 18 -2.48 -0.92 8.81
N ALA A 19 -1.37 -1.24 8.15
CA ALA A 19 -0.18 -1.70 8.84
C ALA A 19 0.35 -0.61 9.77
N GLY A 20 0.05 0.64 9.46
CA GLY A 20 0.50 1.74 10.28
C GLY A 20 -0.03 1.68 11.70
N ARG A 21 -1.25 1.20 11.84
CA ARG A 21 -1.88 1.08 13.16
C ARG A 21 -1.21 -0.01 13.99
N ALA A 22 -0.82 -1.10 13.33
CA ALA A 22 -0.17 -2.21 14.01
C ALA A 22 0.43 -3.19 12.99
N ILE A 23 1.71 -3.49 13.17
CA ILE A 23 2.41 -4.41 12.28
C ILE A 23 2.48 -5.81 12.88
N ARG A 24 3.14 -5.92 14.02
CA ARG A 24 3.28 -7.21 14.70
C ARG A 24 2.58 -7.18 16.06
N ARG A 25 2.61 -6.03 16.71
CA ARG A 25 1.97 -5.88 18.02
C ARG A 25 0.50 -5.50 17.87
N GLY A 1 4.27 -3.22 -18.24
CA GLY A 1 3.57 -3.19 -16.97
C GLY A 1 3.02 -1.81 -16.64
N ALA A 2 2.59 -1.09 -17.66
CA ALA A 2 2.04 0.25 -17.47
C ALA A 2 0.79 0.21 -16.62
N TRP A 3 0.07 -0.90 -16.67
CA TRP A 3 -1.16 -1.07 -15.90
C TRP A 3 -0.85 -1.43 -14.45
N LYS A 4 0.23 -2.18 -14.25
CA LYS A 4 0.64 -2.59 -12.92
C LYS A 4 1.13 -1.40 -12.10
N ASN A 5 1.65 -0.39 -12.79
CA ASN A 5 2.15 0.81 -12.14
C ASN A 5 1.09 1.43 -11.24
N PHE A 6 -0.10 1.64 -11.80
CA PHE A 6 -1.21 2.23 -11.05
C PHE A 6 -1.45 1.46 -9.76
N TRP A 7 -1.46 0.14 -9.85
CA TRP A 7 -1.67 -0.71 -8.68
C TRP A 7 -0.61 -0.47 -7.62
N SER A 8 0.62 -0.26 -8.06
CA SER A 8 1.74 -0.01 -7.15
C SER A 8 1.45 1.19 -6.25
N SER A 9 0.91 2.25 -6.85
CA SER A 9 0.59 3.46 -6.10
C SER A 9 -0.41 3.16 -4.99
N LEU A 10 -1.54 2.57 -5.35
CA LEU A 10 -2.57 2.24 -4.39
C LEU A 10 -2.01 1.40 -3.25
N ARG A 11 -1.16 0.43 -3.58
CA ARG A 11 -0.54 -0.43 -2.58
C ARG A 11 0.17 0.40 -1.52
N LYS A 12 1.06 1.29 -1.96
CA LYS A 12 1.80 2.14 -1.04
C LYS A 12 0.86 2.93 -0.15
N GLY A 13 -0.29 3.30 -0.70
CA GLY A 13 -1.26 4.07 0.07
C GLY A 13 -1.80 3.30 1.25
N PHE A 14 -2.37 2.12 0.98
CA PHE A 14 -2.94 1.29 2.03
C PHE A 14 -1.84 0.78 2.97
N TYR A 15 -0.62 0.69 2.46
CA TYR A 15 0.50 0.21 3.24
C TYR A 15 0.67 1.05 4.51
N ASP A 16 0.25 2.31 4.45
CA ASP A 16 0.33 3.21 5.59
C ASP A 16 -1.04 3.47 6.18
N GLY A 17 -1.95 2.51 6.01
CA GLY A 17 -3.29 2.66 6.53
C GLY A 17 -3.59 1.67 7.64
N GLU A 18 -3.41 0.38 7.35
CA GLU A 18 -3.67 -0.66 8.34
C GLU A 18 -2.41 -1.00 9.12
N ALA A 19 -1.31 -1.22 8.40
CA ALA A 19 -0.03 -1.54 9.02
C ALA A 19 0.50 -0.36 9.81
N GLY A 20 0.08 0.84 9.42
CA GLY A 20 0.53 2.04 10.11
C GLY A 20 0.17 2.05 11.58
N ARG A 21 -0.83 1.24 11.94
CA ARG A 21 -1.27 1.16 13.32
C ARG A 21 -0.44 0.14 14.10
N ALA A 22 -0.19 -1.02 13.49
CA ALA A 22 0.58 -2.07 14.13
C ALA A 22 1.20 -3.00 13.08
N ILE A 23 2.50 -3.25 13.22
CA ILE A 23 3.20 -4.13 12.29
C ILE A 23 3.53 -5.47 12.93
N ARG A 24 4.09 -5.43 14.14
CA ARG A 24 4.45 -6.64 14.86
C ARG A 24 3.95 -6.58 16.31
N ARG A 25 2.65 -6.39 16.47
CA ARG A 25 2.05 -6.30 17.79
C ARG A 25 1.62 -7.68 18.29
N GLY A 1 4.83 -3.38 -16.97
CA GLY A 1 3.47 -3.04 -17.34
C GLY A 1 3.04 -1.69 -16.83
N ALA A 2 2.80 -0.76 -17.74
CA ALA A 2 2.38 0.60 -17.37
C ALA A 2 1.11 0.56 -16.54
N TRP A 3 0.31 -0.48 -16.73
CA TRP A 3 -0.94 -0.63 -16.00
C TRP A 3 -0.69 -1.03 -14.55
N LYS A 4 0.34 -1.85 -14.35
CA LYS A 4 0.69 -2.32 -13.02
C LYS A 4 1.29 -1.19 -12.18
N ASN A 5 1.89 -0.21 -12.87
CA ASN A 5 2.52 0.92 -12.20
C ASN A 5 1.52 1.61 -11.27
N PHE A 6 0.34 1.93 -11.79
CA PHE A 6 -0.69 2.59 -11.01
C PHE A 6 -1.00 1.81 -9.74
N TRP A 7 -1.27 0.51 -9.90
CA TRP A 7 -1.57 -0.35 -8.77
C TRP A 7 -0.48 -0.26 -7.70
N SER A 8 0.77 -0.23 -8.15
CA SER A 8 1.90 -0.14 -7.23
C SER A 8 1.78 1.07 -6.32
N SER A 9 1.41 2.21 -6.90
CA SER A 9 1.25 3.43 -6.14
C SER A 9 0.23 3.27 -5.03
N LEU A 10 -0.96 2.79 -5.40
CA LEU A 10 -2.03 2.58 -4.44
C LEU A 10 -1.57 1.68 -3.29
N ARG A 11 -0.77 0.68 -3.63
CA ARG A 11 -0.26 -0.26 -2.63
C ARG A 11 0.42 0.49 -1.49
N LYS A 12 1.34 1.38 -1.84
CA LYS A 12 2.06 2.17 -0.84
C LYS A 12 1.09 2.92 0.06
N GLY A 13 -0.04 3.33 -0.50
CA GLY A 13 -1.03 4.07 0.27
C GLY A 13 -1.70 3.21 1.32
N PHE A 14 -2.23 2.06 0.89
CA PHE A 14 -2.91 1.15 1.81
C PHE A 14 -1.93 0.57 2.82
N TYR A 15 -0.66 0.48 2.42
CA TYR A 15 0.38 -0.05 3.30
C TYR A 15 0.40 0.68 4.64
N ASP A 16 0.04 1.96 4.61
CA ASP A 16 0.01 2.78 5.81
C ASP A 16 -1.42 3.10 6.22
N GLY A 17 -2.34 2.24 5.84
CA GLY A 17 -3.74 2.45 6.17
C GLY A 17 -4.27 1.42 7.16
N GLU A 18 -4.15 0.14 6.80
CA GLU A 18 -4.62 -0.93 7.66
C GLU A 18 -3.53 -1.39 8.62
N ALA A 19 -2.29 -1.45 8.10
CA ALA A 19 -1.15 -1.86 8.91
C ALA A 19 -0.82 -0.81 9.97
N GLY A 20 -1.20 0.43 9.70
CA GLY A 20 -0.93 1.51 10.63
C GLY A 20 -1.55 1.26 12.00
N ARG A 21 -2.62 0.46 12.02
CA ARG A 21 -3.31 0.15 13.27
C ARG A 21 -2.47 -0.75 14.15
N ALA A 22 -1.89 -1.80 13.54
CA ALA A 22 -1.05 -2.74 14.27
C ALA A 22 -0.11 -3.47 13.33
N ILE A 23 1.18 -3.15 13.43
CA ILE A 23 2.19 -3.78 12.58
C ILE A 23 2.63 -5.13 13.16
N ARG A 24 3.05 -5.11 14.42
CA ARG A 24 3.49 -6.33 15.09
C ARG A 24 2.79 -6.50 16.43
N ARG A 25 2.65 -5.39 17.17
CA ARG A 25 2.01 -5.42 18.47
C ARG A 25 0.50 -5.60 18.32
N GLY A 1 5.33 -3.01 -16.11
CA GLY A 1 4.08 -2.84 -16.83
C GLY A 1 3.38 -1.55 -16.48
N ALA A 2 2.88 -0.85 -17.50
CA ALA A 2 2.19 0.42 -17.30
C ALA A 2 0.92 0.23 -16.47
N TRP A 3 0.35 -0.97 -16.54
CA TRP A 3 -0.86 -1.28 -15.80
C TRP A 3 -0.56 -1.49 -14.32
N LYS A 4 0.62 -2.03 -14.04
CA LYS A 4 1.03 -2.28 -12.66
C LYS A 4 1.31 -0.97 -11.92
N ASN A 5 1.67 0.06 -12.67
CA ASN A 5 1.96 1.37 -12.09
C ASN A 5 0.82 1.83 -11.20
N PHE A 6 -0.39 1.83 -11.75
CA PHE A 6 -1.57 2.26 -11.01
C PHE A 6 -1.70 1.49 -9.70
N TRP A 7 -1.60 0.17 -9.78
CA TRP A 7 -1.70 -0.68 -8.60
C TRP A 7 -0.61 -0.33 -7.59
N SER A 8 0.58 0.00 -8.11
CA SER A 8 1.71 0.34 -7.26
C SER A 8 1.38 1.53 -6.37
N SER A 9 0.71 2.53 -6.94
CA SER A 9 0.33 3.73 -6.21
C SER A 9 -0.66 3.40 -5.10
N LEU A 10 -1.76 2.74 -5.47
CA LEU A 10 -2.79 2.38 -4.51
C LEU A 10 -2.19 1.60 -3.34
N ARG A 11 -1.30 0.67 -3.64
CA ARG A 11 -0.66 -0.14 -2.61
C ARG A 11 0.00 0.75 -1.56
N LYS A 12 0.72 1.76 -2.02
CA LYS A 12 1.41 2.70 -1.12
C LYS A 12 0.40 3.41 -0.23
N GLY A 13 -0.75 3.76 -0.79
CA GLY A 13 -1.78 4.45 -0.04
C GLY A 13 -2.28 3.62 1.14
N PHE A 14 -2.72 2.40 0.86
CA PHE A 14 -3.23 1.51 1.89
C PHE A 14 -2.13 1.13 2.88
N TYR A 15 -0.89 1.15 2.40
CA TYR A 15 0.26 0.80 3.23
C TYR A 15 0.32 1.69 4.48
N ASP A 16 -0.24 2.88 4.36
CA ASP A 16 -0.25 3.82 5.47
C ASP A 16 -1.65 3.93 6.08
N GLY A 17 -2.36 2.80 6.12
CA GLY A 17 -3.71 2.79 6.67
C GLY A 17 -3.90 1.69 7.69
N GLU A 18 -3.59 0.46 7.29
CA GLU A 18 -3.75 -0.69 8.18
C GLU A 18 -2.46 -0.94 8.97
N ALA A 19 -1.36 -1.09 8.25
CA ALA A 19 -0.07 -1.34 8.88
C ALA A 19 0.39 -0.13 9.69
N GLY A 20 -0.11 1.05 9.32
CA GLY A 20 0.25 2.26 10.02
C GLY A 20 -0.08 2.20 11.49
N ARG A 21 -1.11 1.43 11.84
CA ARG A 21 -1.54 1.29 13.23
C ARG A 21 -0.70 0.23 13.95
N ALA A 22 -0.39 -0.85 13.25
CA ALA A 22 0.41 -1.92 13.82
C ALA A 22 0.88 -2.89 12.74
N ILE A 23 2.20 -2.98 12.57
CA ILE A 23 2.79 -3.88 11.58
C ILE A 23 2.63 -5.33 11.97
N ARG A 24 3.09 -5.66 13.18
CA ARG A 24 3.00 -7.02 13.68
C ARG A 24 2.00 -7.11 14.84
N ARG A 25 2.24 -6.32 15.88
CA ARG A 25 1.37 -6.32 17.05
C ARG A 25 0.02 -5.67 16.71
N GLY A 1 3.63 -3.82 -15.42
CA GLY A 1 3.56 -2.97 -16.60
C GLY A 1 2.71 -1.73 -16.37
N ALA A 2 2.09 -1.24 -17.44
CA ALA A 2 1.24 -0.06 -17.35
C ALA A 2 0.07 -0.29 -16.39
N TRP A 3 -0.38 -1.53 -16.31
CA TRP A 3 -1.49 -1.88 -15.43
C TRP A 3 -1.03 -1.98 -13.97
N LYS A 4 0.23 -2.37 -13.78
CA LYS A 4 0.79 -2.49 -12.44
C LYS A 4 1.00 -1.12 -11.81
N ASN A 5 1.19 -0.11 -12.65
CA ASN A 5 1.41 1.25 -12.17
C ASN A 5 0.31 1.66 -11.19
N PHE A 6 -0.94 1.41 -11.57
CA PHE A 6 -2.08 1.76 -10.72
C PHE A 6 -1.97 1.07 -9.36
N TRP A 7 -1.75 -0.23 -9.39
CA TRP A 7 -1.62 -1.01 -8.16
C TRP A 7 -0.49 -0.48 -7.29
N SER A 8 0.53 0.08 -7.93
CA SER A 8 1.67 0.63 -7.21
C SER A 8 1.27 1.82 -6.36
N SER A 9 0.38 2.65 -6.90
CA SER A 9 -0.09 3.83 -6.20
C SER A 9 -0.93 3.44 -4.98
N LEU A 10 -1.91 2.58 -5.20
CA LEU A 10 -2.78 2.12 -4.12
C LEU A 10 -1.97 1.50 -2.98
N ARG A 11 -0.94 0.74 -3.35
CA ARG A 11 -0.08 0.09 -2.35
C ARG A 11 0.43 1.11 -1.34
N LYS A 12 1.02 2.20 -1.85
CA LYS A 12 1.56 3.24 -1.00
C LYS A 12 0.51 3.73 0.00
N GLY A 13 -0.73 3.83 -0.46
CA GLY A 13 -1.81 4.28 0.40
C GLY A 13 -2.02 3.36 1.59
N PHE A 14 -2.21 2.07 1.31
CA PHE A 14 -2.43 1.09 2.36
C PHE A 14 -1.18 0.92 3.21
N TYR A 15 -0.02 1.17 2.62
CA TYR A 15 1.25 1.05 3.33
C TYR A 15 1.27 1.92 4.58
N ASP A 16 0.56 3.04 4.51
CA ASP A 16 0.49 3.97 5.65
C ASP A 16 -0.88 3.91 6.31
N GLY A 17 -1.55 2.77 6.18
CA GLY A 17 -2.87 2.61 6.77
C GLY A 17 -2.89 1.61 7.91
N GLU A 18 -2.42 0.40 7.63
CA GLU A 18 -2.38 -0.66 8.64
C GLU A 18 -1.07 -0.61 9.42
N ALA A 19 0.04 -0.55 8.69
CA ALA A 19 1.35 -0.50 9.32
C ALA A 19 1.51 0.74 10.20
N GLY A 20 0.73 1.77 9.89
CA GLY A 20 0.79 3.00 10.65
C GLY A 20 0.36 2.81 12.09
N ARG A 21 -0.51 1.82 12.32
CA ARG A 21 -1.01 1.54 13.66
C ARG A 21 -0.32 0.32 14.25
N ALA A 22 0.10 -0.59 13.38
CA ALA A 22 0.78 -1.81 13.81
C ALA A 22 1.32 -2.60 12.62
N ILE A 23 2.55 -3.07 12.75
CA ILE A 23 3.18 -3.84 11.68
C ILE A 23 2.71 -5.29 11.70
N ARG A 24 2.98 -5.98 12.80
CA ARG A 24 2.58 -7.37 12.94
C ARG A 24 1.56 -7.54 14.07
N ARG A 25 0.76 -6.50 14.29
CA ARG A 25 -0.25 -6.53 15.33
C ARG A 25 0.36 -6.93 16.67
N GLY A 1 4.40 -2.74 -18.25
CA GLY A 1 2.98 -2.48 -18.20
C GLY A 1 2.64 -1.29 -17.31
N ALA A 2 2.08 -0.24 -17.92
CA ALA A 2 1.71 0.96 -17.17
C ALA A 2 0.57 0.67 -16.20
N TRP A 3 -0.28 -0.28 -16.56
CA TRP A 3 -1.42 -0.65 -15.71
C TRP A 3 -0.94 -1.06 -14.33
N LYS A 4 0.22 -1.69 -14.26
CA LYS A 4 0.78 -2.13 -12.98
C LYS A 4 1.23 -0.93 -12.14
N ASN A 5 1.56 0.16 -12.82
CA ASN A 5 2.01 1.37 -12.13
C ASN A 5 0.96 1.85 -11.13
N PHE A 6 -0.30 1.83 -11.56
CA PHE A 6 -1.40 2.26 -10.71
C PHE A 6 -1.49 1.39 -9.45
N TRP A 7 -1.49 0.08 -9.64
CA TRP A 7 -1.57 -0.85 -8.53
C TRP A 7 -0.46 -0.58 -7.51
N SER A 8 0.76 -0.40 -7.99
CA SER A 8 1.89 -0.14 -7.12
C SER A 8 1.61 1.05 -6.21
N SER A 9 0.89 2.03 -6.74
CA SER A 9 0.55 3.23 -5.96
C SER A 9 -0.37 2.88 -4.80
N LEU A 10 -1.47 2.20 -5.11
CA LEU A 10 -2.44 1.81 -4.10
C LEU A 10 -1.76 1.05 -2.95
N ARG A 11 -0.77 0.22 -3.30
CA ARG A 11 -0.04 -0.56 -2.32
C ARG A 11 0.48 0.35 -1.19
N LYS A 12 1.20 1.39 -1.58
CA LYS A 12 1.76 2.33 -0.62
C LYS A 12 0.66 2.92 0.28
N GLY A 13 -0.48 3.22 -0.33
CA GLY A 13 -1.59 3.78 0.42
C GLY A 13 -2.06 2.87 1.53
N PHE A 14 -2.34 1.61 1.19
CA PHE A 14 -2.80 0.64 2.17
C PHE A 14 -1.70 0.29 3.16
N TYR A 15 -0.45 0.40 2.72
CA TYR A 15 0.70 0.10 3.56
C TYR A 15 0.75 1.04 4.76
N ASP A 16 0.25 2.26 4.56
CA ASP A 16 0.24 3.25 5.63
C ASP A 16 -1.18 3.53 6.10
N GLY A 17 -2.06 2.55 5.92
CA GLY A 17 -3.44 2.70 6.34
C GLY A 17 -3.84 1.74 7.43
N GLU A 18 -3.78 0.45 7.12
CA GLU A 18 -4.14 -0.58 8.10
C GLU A 18 -2.91 -1.05 8.88
N ALA A 19 -1.86 -1.41 8.16
CA ALA A 19 -0.62 -1.86 8.78
C ALA A 19 0.00 -0.76 9.63
N GLY A 20 -0.31 0.49 9.29
CA GLY A 20 0.23 1.61 10.03
C GLY A 20 -0.14 1.57 11.50
N ARG A 21 -1.33 1.04 11.80
CA ARG A 21 -1.79 0.95 13.18
C ARG A 21 -1.26 -0.32 13.85
N ALA A 22 -1.03 -1.36 13.05
CA ALA A 22 -0.51 -2.62 13.57
C ALA A 22 0.21 -3.41 12.48
N ILE A 23 1.47 -3.73 12.73
CA ILE A 23 2.27 -4.48 11.76
C ILE A 23 2.50 -5.91 12.24
N ARG A 24 2.79 -6.07 13.52
CA ARG A 24 3.04 -7.38 14.10
C ARG A 24 2.04 -7.67 15.22
N ARG A 25 0.84 -7.11 15.10
CA ARG A 25 -0.20 -7.32 16.10
C ARG A 25 -1.57 -7.48 15.43
N GLY A 1 4.23 -2.09 -19.87
CA GLY A 1 3.61 -1.95 -18.56
C GLY A 1 2.91 -0.61 -18.40
N ALA A 2 1.87 -0.58 -17.57
CA ALA A 2 1.11 0.64 -17.33
C ALA A 2 0.00 0.41 -16.32
N TRP A 3 -0.59 -0.79 -16.37
CA TRP A 3 -1.68 -1.13 -15.45
C TRP A 3 -1.15 -1.38 -14.05
N LYS A 4 0.04 -1.98 -13.97
CA LYS A 4 0.67 -2.27 -12.69
C LYS A 4 1.04 -0.98 -11.95
N ASN A 5 1.34 0.06 -12.71
CA ASN A 5 1.71 1.35 -12.13
C ASN A 5 0.64 1.82 -11.14
N PHE A 6 -0.61 1.83 -11.58
CA PHE A 6 -1.71 2.26 -10.73
C PHE A 6 -1.71 1.49 -9.40
N TRP A 7 -1.58 0.17 -9.50
CA TRP A 7 -1.56 -0.67 -8.30
C TRP A 7 -0.43 -0.29 -7.37
N SER A 8 0.73 0.04 -7.96
CA SER A 8 1.89 0.43 -7.18
C SER A 8 1.56 1.57 -6.22
N SER A 9 0.78 2.54 -6.72
CA SER A 9 0.39 3.69 -5.91
C SER A 9 -0.49 3.26 -4.74
N LEU A 10 -1.59 2.58 -5.05
CA LEU A 10 -2.51 2.11 -4.03
C LEU A 10 -1.79 1.30 -2.97
N ARG A 11 -0.86 0.45 -3.42
CA ARG A 11 -0.09 -0.38 -2.51
C ARG A 11 0.59 0.46 -1.43
N LYS A 12 1.47 1.37 -1.86
CA LYS A 12 2.18 2.23 -0.94
C LYS A 12 1.21 2.98 -0.02
N GLY A 13 0.02 3.23 -0.53
CA GLY A 13 -0.98 3.93 0.25
C GLY A 13 -1.53 3.09 1.39
N PHE A 14 -2.02 1.91 1.06
CA PHE A 14 -2.57 1.00 2.07
C PHE A 14 -1.47 0.49 3.00
N TYR A 15 -0.25 0.42 2.48
CA TYR A 15 0.88 -0.06 3.26
C TYR A 15 1.01 0.73 4.56
N ASP A 16 0.64 2.00 4.52
CA ASP A 16 0.72 2.86 5.69
C ASP A 16 -0.68 3.21 6.20
N GLY A 17 -1.64 2.32 5.93
CA GLY A 17 -3.01 2.56 6.37
C GLY A 17 -3.44 1.57 7.43
N GLU A 18 -3.38 0.28 7.11
CA GLU A 18 -3.78 -0.76 8.03
C GLU A 18 -2.59 -1.23 8.88
N ALA A 19 -1.46 -1.46 8.22
CA ALA A 19 -0.25 -1.91 8.90
C ALA A 19 0.43 -0.75 9.62
N GLY A 20 0.19 0.46 9.13
CA GLY A 20 0.78 1.63 9.74
C GLY A 20 0.35 1.84 11.17
N ARG A 21 -0.82 1.33 11.50
CA ARG A 21 -1.36 1.46 12.85
C ARG A 21 -0.57 0.61 13.84
N ALA A 22 -0.20 -0.59 13.41
CA ALA A 22 0.57 -1.50 14.25
C ALA A 22 1.03 -2.72 13.46
N ILE A 23 2.35 -2.86 13.33
CA ILE A 23 2.93 -3.98 12.59
C ILE A 23 2.99 -5.23 13.46
N ARG A 24 3.60 -5.10 14.64
CA ARG A 24 3.73 -6.22 15.56
C ARG A 24 3.25 -5.82 16.96
N ARG A 25 2.30 -4.90 17.01
CA ARG A 25 1.75 -4.43 18.28
C ARG A 25 2.86 -3.94 19.20
N GLY A 1 3.75 -2.93 -18.69
CA GLY A 1 4.48 -1.79 -18.17
C GLY A 1 3.68 -0.50 -18.24
N ALA A 2 2.54 -0.48 -17.56
CA ALA A 2 1.69 0.71 -17.56
C ALA A 2 0.46 0.50 -16.68
N TRP A 3 -0.05 -0.73 -16.65
CA TRP A 3 -1.22 -1.07 -15.85
C TRP A 3 -0.82 -1.36 -14.41
N LYS A 4 0.39 -1.90 -14.22
CA LYS A 4 0.88 -2.23 -12.90
C LYS A 4 1.22 -0.97 -12.11
N ASN A 5 1.57 0.10 -12.84
CA ASN A 5 1.91 1.37 -12.21
C ASN A 5 0.79 1.85 -11.30
N PHE A 6 -0.44 1.75 -11.80
CA PHE A 6 -1.61 2.19 -11.04
C PHE A 6 -1.72 1.41 -9.73
N TRP A 7 -1.67 0.08 -9.84
CA TRP A 7 -1.77 -0.78 -8.66
C TRP A 7 -0.72 -0.40 -7.61
N SER A 8 0.46 -0.03 -8.07
CA SER A 8 1.54 0.36 -7.17
C SER A 8 1.14 1.58 -6.34
N SER A 9 0.46 2.52 -6.97
CA SER A 9 0.03 3.74 -6.29
C SER A 9 -0.93 3.40 -5.14
N LEU A 10 -1.91 2.55 -5.43
CA LEU A 10 -2.89 2.15 -4.43
C LEU A 10 -2.22 1.41 -3.29
N ARG A 11 -1.22 0.60 -3.61
CA ARG A 11 -0.50 -0.17 -2.61
C ARG A 11 0.11 0.76 -1.55
N LYS A 12 0.85 1.76 -2.00
CA LYS A 12 1.48 2.72 -1.09
C LYS A 12 0.45 3.33 -0.14
N GLY A 13 -0.78 3.48 -0.63
CA GLY A 13 -1.83 4.05 0.19
C GLY A 13 -2.22 3.15 1.34
N PHE A 14 -2.60 1.92 1.04
CA PHE A 14 -3.00 0.96 2.07
C PHE A 14 -1.82 0.60 2.95
N TYR A 15 -0.61 0.72 2.40
CA TYR A 15 0.60 0.39 3.14
C TYR A 15 0.66 1.17 4.46
N ASP A 16 0.06 2.36 4.45
CA ASP A 16 0.05 3.21 5.65
C ASP A 16 -1.35 3.25 6.25
N GLY A 17 -2.13 2.21 6.01
CA GLY A 17 -3.48 2.16 6.54
C GLY A 17 -3.65 1.09 7.60
N GLU A 18 -3.34 -0.16 7.24
CA GLU A 18 -3.46 -1.28 8.16
C GLU A 18 -2.15 -1.49 8.92
N ALA A 19 -1.05 -1.55 8.19
CA ALA A 19 0.26 -1.75 8.79
C ALA A 19 0.74 -0.50 9.50
N GLY A 20 0.23 0.66 9.07
CA GLY A 20 0.62 1.91 9.69
C GLY A 20 0.20 2.00 11.14
N ARG A 21 -0.97 1.47 11.45
CA ARG A 21 -1.49 1.50 12.81
C ARG A 21 -0.83 0.43 13.67
N ALA A 22 -0.40 -0.66 13.02
CA ALA A 22 0.25 -1.75 13.73
C ALA A 22 0.75 -2.82 12.74
N ILE A 23 2.06 -2.95 12.64
CA ILE A 23 2.67 -3.92 11.74
C ILE A 23 2.45 -5.34 12.24
N ARG A 24 2.52 -5.51 13.56
CA ARG A 24 2.33 -6.82 14.17
C ARG A 24 1.17 -6.80 15.15
N ARG A 25 1.31 -6.01 16.22
CA ARG A 25 0.28 -5.91 17.24
C ARG A 25 -0.91 -5.10 16.72
N GLY A 1 5.79 -1.97 -17.12
CA GLY A 1 4.61 -2.16 -17.94
C GLY A 1 3.73 -0.94 -18.00
N ALA A 2 2.61 -0.97 -17.29
CA ALA A 2 1.68 0.15 -17.27
C ALA A 2 0.50 -0.13 -16.35
N TRP A 3 0.07 -1.39 -16.31
CA TRP A 3 -1.05 -1.79 -15.47
C TRP A 3 -0.61 -1.94 -14.02
N LYS A 4 0.59 -2.43 -13.81
CA LYS A 4 1.13 -2.62 -12.47
C LYS A 4 1.39 -1.28 -11.79
N ASN A 5 1.69 -0.26 -12.59
CA ASN A 5 1.96 1.07 -12.07
C ASN A 5 0.81 1.55 -11.19
N PHE A 6 -0.42 1.30 -11.64
CA PHE A 6 -1.60 1.71 -10.90
C PHE A 6 -1.65 1.02 -9.54
N TRP A 7 -1.49 -0.31 -9.55
CA TRP A 7 -1.52 -1.09 -8.32
C TRP A 7 -0.48 -0.59 -7.33
N SER A 8 0.69 -0.21 -7.84
CA SER A 8 1.77 0.28 -7.01
C SER A 8 1.34 1.53 -6.23
N SER A 9 0.54 2.37 -6.88
CA SER A 9 0.06 3.60 -6.26
C SER A 9 -0.86 3.28 -5.08
N LEU A 10 -1.84 2.42 -5.31
CA LEU A 10 -2.78 2.04 -4.27
C LEU A 10 -2.05 1.43 -3.08
N ARG A 11 -1.01 0.66 -3.36
CA ARG A 11 -0.23 0.02 -2.31
C ARG A 11 0.28 1.05 -1.30
N LYS A 12 0.93 2.09 -1.82
CA LYS A 12 1.47 3.15 -0.97
C LYS A 12 0.39 3.74 -0.08
N GLY A 13 -0.83 3.81 -0.59
CA GLY A 13 -1.94 4.35 0.17
C GLY A 13 -2.28 3.50 1.38
N PHE A 14 -2.54 2.21 1.13
CA PHE A 14 -2.89 1.29 2.20
C PHE A 14 -1.72 1.09 3.15
N TYR A 15 -0.51 1.28 2.63
CA TYR A 15 0.70 1.12 3.44
C TYR A 15 0.65 1.98 4.69
N ASP A 16 -0.07 3.10 4.60
CA ASP A 16 -0.20 4.02 5.72
C ASP A 16 -1.62 3.97 6.29
N GLY A 17 -2.29 2.84 6.11
CA GLY A 17 -3.64 2.69 6.61
C GLY A 17 -3.73 1.68 7.75
N GLU A 18 -3.28 0.46 7.49
CA GLU A 18 -3.32 -0.59 8.51
C GLU A 18 -2.02 -0.61 9.31
N ALA A 19 -0.89 -0.61 8.62
CA ALA A 19 0.41 -0.63 9.29
C ALA A 19 0.70 0.71 9.95
N GLY A 20 0.07 1.77 9.44
CA GLY A 20 0.28 3.08 10.01
C GLY A 20 -0.12 3.16 11.47
N ARG A 21 -1.01 2.27 11.89
CA ARG A 21 -1.46 2.24 13.27
C ARG A 21 -0.91 1.03 14.00
N ALA A 22 -0.69 -0.05 13.26
CA ALA A 22 -0.16 -1.28 13.83
C ALA A 22 0.06 -2.35 12.76
N ILE A 23 1.30 -2.78 12.60
CA ILE A 23 1.64 -3.78 11.60
C ILE A 23 1.14 -5.16 12.03
N ARG A 24 1.52 -5.59 13.21
CA ARG A 24 1.12 -6.88 13.74
C ARG A 24 0.41 -6.73 15.09
N ARG A 25 1.11 -6.15 16.06
CA ARG A 25 0.56 -5.95 17.39
C ARG A 25 -0.65 -5.03 17.34
N GLY A 1 3.54 -1.55 -20.04
CA GLY A 1 4.11 -0.88 -18.87
C GLY A 1 3.40 0.41 -18.55
N ALA A 2 2.33 0.32 -17.76
CA ALA A 2 1.56 1.50 -17.37
C ALA A 2 0.41 1.12 -16.44
N TRP A 3 -0.17 -0.05 -16.67
CA TRP A 3 -1.28 -0.53 -15.85
C TRP A 3 -0.79 -0.95 -14.47
N LYS A 4 0.44 -1.44 -14.40
CA LYS A 4 1.02 -1.88 -13.14
C LYS A 4 1.32 -0.68 -12.24
N ASN A 5 1.54 0.47 -12.85
CA ASN A 5 1.84 1.69 -12.11
C ASN A 5 0.72 2.01 -11.13
N PHE A 6 -0.52 1.92 -11.60
CA PHE A 6 -1.68 2.19 -10.77
C PHE A 6 -1.71 1.30 -9.54
N TRP A 7 -1.45 0.00 -9.76
CA TRP A 7 -1.44 -0.97 -8.66
C TRP A 7 -0.41 -0.59 -7.61
N SER A 8 0.74 -0.07 -8.06
CA SER A 8 1.81 0.32 -7.16
C SER A 8 1.32 1.38 -6.17
N SER A 9 0.55 2.34 -6.67
CA SER A 9 0.03 3.42 -5.84
C SER A 9 -0.85 2.86 -4.73
N LEU A 10 -1.83 2.05 -5.10
CA LEU A 10 -2.75 1.45 -4.14
C LEU A 10 -1.97 0.71 -3.05
N ARG A 11 -0.97 -0.07 -3.46
CA ARG A 11 -0.16 -0.82 -2.52
C ARG A 11 0.41 0.09 -1.43
N LYS A 12 1.16 1.10 -1.84
CA LYS A 12 1.75 2.04 -0.90
C LYS A 12 0.69 2.67 -0.01
N GLY A 13 -0.51 2.83 -0.56
CA GLY A 13 -1.60 3.42 0.20
C GLY A 13 -2.03 2.55 1.37
N PHE A 14 -2.35 1.29 1.09
CA PHE A 14 -2.77 0.36 2.12
C PHE A 14 -1.63 0.06 3.09
N TYR A 15 -0.40 0.14 2.59
CA TYR A 15 0.77 -0.12 3.41
C TYR A 15 0.79 0.79 4.64
N ASP A 16 0.17 1.95 4.51
CA ASP A 16 0.11 2.90 5.62
C ASP A 16 -1.31 3.05 6.14
N GLY A 17 -2.01 1.92 6.29
CA GLY A 17 -3.37 1.95 6.78
C GLY A 17 -3.64 0.87 7.80
N GLU A 18 -3.39 -0.38 7.41
CA GLU A 18 -3.61 -1.52 8.31
C GLU A 18 -2.39 -1.76 9.19
N ALA A 19 -1.24 -1.96 8.56
CA ALA A 19 0.00 -2.20 9.29
C ALA A 19 0.43 -0.97 10.06
N GLY A 20 -0.01 0.20 9.60
CA GLY A 20 0.34 1.45 10.26
C GLY A 20 -0.19 1.52 11.68
N ARG A 21 -1.31 0.86 11.92
CA ARG A 21 -1.92 0.85 13.25
C ARG A 21 -1.48 -0.37 14.05
N ALA A 22 -1.24 -1.47 13.34
CA ALA A 22 -0.80 -2.71 14.00
C ALA A 22 0.01 -3.57 13.04
N ILE A 23 1.31 -3.67 13.29
CA ILE A 23 2.20 -4.47 12.46
C ILE A 23 2.19 -5.93 12.88
N ARG A 24 2.59 -6.17 14.13
CA ARG A 24 2.64 -7.53 14.66
C ARG A 24 1.79 -7.65 15.92
N ARG A 25 0.78 -6.78 16.03
CA ARG A 25 -0.10 -6.79 17.19
C ARG A 25 -1.54 -6.51 16.78
N GLY A 1 6.93 -2.32 -16.75
CA GLY A 1 5.68 -2.17 -17.46
C GLY A 1 5.13 -0.76 -17.38
N ALA A 2 3.94 -0.62 -16.83
CA ALA A 2 3.30 0.69 -16.69
C ALA A 2 1.97 0.59 -15.97
N TRP A 3 1.25 -0.51 -16.21
CA TRP A 3 -0.04 -0.74 -15.60
C TRP A 3 0.12 -1.13 -14.13
N LYS A 4 1.16 -1.88 -13.83
CA LYS A 4 1.43 -2.32 -12.46
C LYS A 4 1.84 -1.14 -11.58
N ASN A 5 2.43 -0.12 -12.20
CA ASN A 5 2.88 1.06 -11.48
C ASN A 5 1.73 1.67 -10.68
N PHE A 6 0.58 1.82 -11.33
CA PHE A 6 -0.60 2.39 -10.67
C PHE A 6 -0.98 1.58 -9.44
N TRP A 7 -1.09 0.26 -9.62
CA TRP A 7 -1.46 -0.63 -8.53
C TRP A 7 -0.49 -0.48 -7.36
N SER A 8 0.79 -0.32 -7.66
CA SER A 8 1.81 -0.17 -6.64
C SER A 8 1.54 1.06 -5.77
N SER A 9 1.04 2.11 -6.41
CA SER A 9 0.73 3.36 -5.71
C SER A 9 -0.39 3.15 -4.71
N LEU A 10 -1.48 2.51 -5.17
CA LEU A 10 -2.62 2.25 -4.31
C LEU A 10 -2.23 1.39 -3.11
N ARG A 11 -1.52 0.31 -3.37
CA ARG A 11 -1.08 -0.60 -2.31
C ARG A 11 -0.35 0.18 -1.22
N LYS A 12 0.66 0.95 -1.61
CA LYS A 12 1.44 1.73 -0.67
C LYS A 12 0.55 2.70 0.10
N GLY A 13 -0.48 3.21 -0.57
CA GLY A 13 -1.39 4.14 0.07
C GLY A 13 -2.17 3.51 1.20
N PHE A 14 -2.80 2.38 0.92
CA PHE A 14 -3.58 1.67 1.94
C PHE A 14 -2.68 1.12 3.03
N TYR A 15 -1.44 0.83 2.67
CA TYR A 15 -0.48 0.27 3.61
C TYR A 15 -0.31 1.21 4.82
N ASP A 16 -0.55 2.49 4.60
CA ASP A 16 -0.43 3.48 5.66
C ASP A 16 -1.80 3.91 6.18
N GLY A 17 -2.75 2.96 6.17
CA GLY A 17 -4.08 3.26 6.64
C GLY A 17 -4.57 2.23 7.65
N GLU A 18 -4.55 0.97 7.27
CA GLU A 18 -5.00 -0.10 8.16
C GLU A 18 -3.84 -0.63 9.00
N ALA A 19 -2.67 -0.75 8.39
CA ALA A 19 -1.49 -1.23 9.09
C ALA A 19 -0.83 -0.11 9.90
N GLY A 20 -1.06 1.13 9.48
CA GLY A 20 -0.48 2.26 10.18
C GLY A 20 -0.90 2.31 11.64
N ARG A 21 -2.18 2.07 11.89
CA ARG A 21 -2.70 2.10 13.25
C ARG A 21 -2.03 1.05 14.12
N ALA A 22 -1.54 -0.02 13.49
CA ALA A 22 -0.87 -1.10 14.20
C ALA A 22 -0.24 -2.10 13.23
N ILE A 23 1.07 -2.06 13.11
CA ILE A 23 1.79 -2.96 12.21
C ILE A 23 2.16 -4.26 12.93
N ARG A 24 2.91 -4.13 14.02
CA ARG A 24 3.34 -5.29 14.79
C ARG A 24 2.97 -5.12 16.27
N ARG A 25 3.42 -4.03 16.87
CA ARG A 25 3.14 -3.76 18.27
C ARG A 25 2.50 -2.39 18.45
N GLY A 1 5.50 -4.04 -17.13
CA GLY A 1 4.08 -4.02 -17.49
C GLY A 1 3.56 -2.61 -17.68
N ALA A 2 2.45 -2.29 -17.03
CA ALA A 2 1.85 -0.97 -17.13
C ALA A 2 0.61 -0.85 -16.24
N TRP A 3 -0.13 -1.95 -16.12
CA TRP A 3 -1.33 -1.97 -15.30
C TRP A 3 -0.98 -2.10 -13.83
N LYS A 4 0.12 -2.79 -13.54
CA LYS A 4 0.56 -2.98 -12.16
C LYS A 4 1.06 -1.67 -11.57
N ASN A 5 1.54 -0.77 -12.42
CA ASN A 5 2.04 0.52 -11.97
C ASN A 5 1.03 1.23 -11.08
N PHE A 6 -0.22 1.28 -11.54
CA PHE A 6 -1.28 1.92 -10.78
C PHE A 6 -1.41 1.31 -9.39
N TRP A 7 -1.51 -0.01 -9.34
CA TRP A 7 -1.64 -0.72 -8.07
C TRP A 7 -0.48 -0.39 -7.14
N SER A 8 0.72 -0.32 -7.70
CA SER A 8 1.92 -0.02 -6.93
C SER A 8 1.72 1.27 -6.12
N SER A 9 1.10 2.26 -6.74
CA SER A 9 0.85 3.54 -6.09
C SER A 9 -0.12 3.38 -4.92
N LEU A 10 -1.28 2.79 -5.20
CA LEU A 10 -2.30 2.58 -4.18
C LEU A 10 -1.73 1.80 -2.99
N ARG A 11 -0.86 0.85 -3.28
CA ARG A 11 -0.23 0.04 -2.25
C ARG A 11 0.48 0.92 -1.22
N LYS A 12 1.38 1.77 -1.71
CA LYS A 12 2.13 2.67 -0.85
C LYS A 12 1.19 3.58 -0.06
N GLY A 13 0.06 3.93 -0.68
CA GLY A 13 -0.90 4.80 -0.03
C GLY A 13 -1.57 4.13 1.16
N PHE A 14 -2.11 2.94 0.94
CA PHE A 14 -2.79 2.20 1.99
C PHE A 14 -1.79 1.77 3.07
N TYR A 15 -0.54 1.60 2.68
CA TYR A 15 0.51 1.19 3.60
C TYR A 15 0.61 2.14 4.78
N ASP A 16 0.21 3.39 4.55
CA ASP A 16 0.24 4.40 5.60
C ASP A 16 -1.16 4.72 6.11
N GLY A 17 -1.99 3.69 6.22
CA GLY A 17 -3.34 3.88 6.69
C GLY A 17 -3.75 2.85 7.73
N GLU A 18 -3.65 1.58 7.37
CA GLU A 18 -4.01 0.49 8.28
C GLU A 18 -2.79 0.04 9.09
N ALA A 19 -1.71 -0.26 8.39
CA ALA A 19 -0.48 -0.70 9.05
C ALA A 19 0.07 0.38 9.98
N GLY A 20 -0.28 1.63 9.69
CA GLY A 20 0.19 2.73 10.51
C GLY A 20 -0.11 2.52 11.98
N ARG A 21 -1.18 1.80 12.28
CA ARG A 21 -1.56 1.52 13.65
C ARG A 21 -0.87 0.27 14.18
N ALA A 22 -0.54 -0.64 13.27
CA ALA A 22 0.13 -1.88 13.63
C ALA A 22 0.79 -2.54 12.42
N ILE A 23 2.11 -2.66 12.47
CA ILE A 23 2.85 -3.26 11.37
C ILE A 23 3.00 -4.76 11.57
N ARG A 24 3.79 -5.14 12.57
CA ARG A 24 4.01 -6.56 12.88
C ARG A 24 3.58 -6.88 14.30
N ARG A 25 2.55 -6.18 14.77
CA ARG A 25 2.04 -6.40 16.13
C ARG A 25 3.15 -6.22 17.16
N GLY A 1 5.66 -2.52 -17.93
CA GLY A 1 4.32 -2.36 -18.48
C GLY A 1 3.71 -1.01 -18.15
N ALA A 2 2.63 -1.02 -17.38
CA ALA A 2 1.95 0.22 -17.01
C ALA A 2 0.76 -0.06 -16.10
N TRP A 3 0.09 -1.18 -16.34
CA TRP A 3 -1.07 -1.56 -15.55
C TRP A 3 -0.69 -1.76 -14.09
N LYS A 4 0.54 -2.21 -13.86
CA LYS A 4 1.04 -2.45 -12.51
C LYS A 4 1.25 -1.13 -11.78
N ASN A 5 1.50 -0.07 -12.53
CA ASN A 5 1.72 1.26 -11.96
C ASN A 5 0.60 1.63 -11.00
N PHE A 6 -0.64 1.56 -11.50
CA PHE A 6 -1.81 1.89 -10.69
C PHE A 6 -1.80 1.11 -9.37
N TRP A 7 -1.64 -0.20 -9.46
CA TRP A 7 -1.61 -1.07 -8.29
C TRP A 7 -0.59 -0.56 -7.27
N SER A 8 0.56 -0.11 -7.77
CA SER A 8 1.62 0.38 -6.91
C SER A 8 1.10 1.54 -6.03
N SER A 9 0.37 2.44 -6.63
CA SER A 9 -0.18 3.59 -5.92
C SER A 9 -1.02 3.13 -4.73
N LEU A 10 -1.95 2.21 -4.98
CA LEU A 10 -2.82 1.70 -3.93
C LEU A 10 -2.00 1.04 -2.82
N ARG A 11 -1.04 0.21 -3.21
CA ARG A 11 -0.18 -0.48 -2.26
C ARG A 11 0.49 0.52 -1.31
N LYS A 12 1.16 1.51 -1.88
CA LYS A 12 1.85 2.53 -1.10
C LYS A 12 0.88 3.22 -0.15
N GLY A 13 -0.38 3.33 -0.57
CA GLY A 13 -1.38 3.98 0.25
C GLY A 13 -1.72 3.17 1.49
N PHE A 14 -2.13 1.92 1.29
CA PHE A 14 -2.48 1.05 2.40
C PHE A 14 -1.29 0.82 3.32
N TYR A 15 -0.09 0.93 2.76
CA TYR A 15 1.14 0.74 3.53
C TYR A 15 1.20 1.70 4.71
N ASP A 16 0.62 2.88 4.53
CA ASP A 16 0.60 3.90 5.58
C ASP A 16 -0.78 4.02 6.19
N GLY A 17 -1.57 2.95 6.13
CA GLY A 17 -2.91 2.97 6.67
C GLY A 17 -3.06 2.05 7.88
N GLU A 18 -2.72 0.78 7.70
CA GLU A 18 -2.82 -0.19 8.79
C GLU A 18 -1.52 -0.26 9.57
N ALA A 19 -0.40 -0.34 8.85
CA ALA A 19 0.91 -0.41 9.47
C ALA A 19 1.21 0.86 10.28
N GLY A 20 0.57 1.96 9.90
CA GLY A 20 0.78 3.22 10.59
C GLY A 20 0.39 3.14 12.06
N ARG A 21 -0.44 2.17 12.40
CA ARG A 21 -0.90 1.99 13.77
C ARG A 21 -0.31 0.72 14.38
N ALA A 22 -0.05 -0.27 13.53
CA ALA A 22 0.51 -1.53 13.99
C ALA A 22 0.89 -2.42 12.81
N ILE A 23 2.19 -2.66 12.66
CA ILE A 23 2.70 -3.49 11.57
C ILE A 23 2.32 -4.95 11.78
N ARG A 24 2.87 -5.57 12.82
CA ARG A 24 2.59 -6.96 13.12
C ARG A 24 2.07 -7.12 14.54
N ARG A 25 1.36 -6.10 15.03
CA ARG A 25 0.81 -6.12 16.38
C ARG A 25 1.90 -6.39 17.40
N GLY A 1 5.15 -3.83 -17.77
CA GLY A 1 3.94 -3.50 -18.48
C GLY A 1 3.55 -2.05 -18.31
N ALA A 2 2.48 -1.81 -17.56
CA ALA A 2 1.99 -0.45 -17.32
C ALA A 2 0.78 -0.46 -16.39
N TRP A 3 -0.05 -1.48 -16.53
CA TRP A 3 -1.25 -1.59 -15.71
C TRP A 3 -0.89 -1.84 -14.25
N LYS A 4 0.22 -2.51 -14.03
CA LYS A 4 0.69 -2.81 -12.67
C LYS A 4 1.15 -1.55 -11.97
N ASN A 5 1.58 -0.56 -12.75
CA ASN A 5 2.04 0.70 -12.18
C ASN A 5 0.98 1.32 -11.28
N PHE A 6 -0.24 1.45 -11.80
CA PHE A 6 -1.34 2.04 -11.04
C PHE A 6 -1.49 1.33 -9.70
N TRP A 7 -1.61 0.01 -9.74
CA TRP A 7 -1.76 -0.79 -8.53
C TRP A 7 -0.67 -0.46 -7.51
N SER A 8 0.54 -0.24 -8.01
CA SER A 8 1.67 0.09 -7.15
C SER A 8 1.41 1.38 -6.37
N SER A 9 0.79 2.35 -7.05
CA SER A 9 0.50 3.64 -6.44
C SER A 9 -0.45 3.47 -5.26
N LEU A 10 -1.53 2.71 -5.47
CA LEU A 10 -2.51 2.47 -4.44
C LEU A 10 -1.90 1.73 -3.25
N ARG A 11 -1.04 0.75 -3.56
CA ARG A 11 -0.38 -0.03 -2.52
C ARG A 11 0.32 0.89 -1.51
N LYS A 12 1.01 1.90 -2.03
CA LYS A 12 1.72 2.85 -1.17
C LYS A 12 0.77 3.55 -0.21
N GLY A 13 -0.41 3.90 -0.72
CA GLY A 13 -1.40 4.57 0.11
C GLY A 13 -1.87 3.71 1.27
N PHE A 14 -2.26 2.47 0.96
CA PHE A 14 -2.73 1.55 1.99
C PHE A 14 -1.61 1.18 2.95
N TYR A 15 -0.37 1.21 2.46
CA TYR A 15 0.78 0.88 3.27
C TYR A 15 0.81 1.71 4.55
N ASP A 16 0.31 2.94 4.46
CA ASP A 16 0.27 3.84 5.60
C ASP A 16 -1.16 4.05 6.08
N GLY A 17 -2.02 3.06 5.83
CA GLY A 17 -3.41 3.17 6.24
C GLY A 17 -3.77 2.18 7.33
N GLU A 18 -3.54 0.89 7.06
CA GLU A 18 -3.85 -0.15 8.03
C GLU A 18 -2.64 -0.43 8.92
N ALA A 19 -1.48 -0.59 8.31
CA ALA A 19 -0.26 -0.87 9.05
C ALA A 19 0.11 0.32 9.95
N GLY A 20 -0.36 1.50 9.57
CA GLY A 20 -0.06 2.69 10.35
C GLY A 20 -0.55 2.58 11.78
N ARG A 21 -1.63 1.84 11.98
CA ARG A 21 -2.20 1.66 13.31
C ARG A 21 -1.58 0.45 14.01
N ALA A 22 -1.38 -0.63 13.26
CA ALA A 22 -0.79 -1.84 13.81
C ALA A 22 0.03 -2.57 12.76
N ILE A 23 1.33 -2.74 13.04
CA ILE A 23 2.22 -3.42 12.12
C ILE A 23 2.26 -4.92 12.40
N ARG A 24 2.41 -5.27 13.68
CA ARG A 24 2.47 -6.67 14.09
C ARG A 24 1.42 -6.97 15.16
N ARG A 25 1.45 -6.19 16.23
CA ARG A 25 0.51 -6.36 17.33
C ARG A 25 -0.80 -5.63 17.05
N GLY A 1 6.43 -1.79 -16.51
CA GLY A 1 5.34 -1.87 -17.45
C GLY A 1 4.60 -0.56 -17.61
N ALA A 2 3.41 -0.47 -17.04
CA ALA A 2 2.60 0.74 -17.13
C ALA A 2 1.29 0.59 -16.36
N TRP A 3 0.74 -0.62 -16.39
CA TRP A 3 -0.52 -0.89 -15.69
C TRP A 3 -0.27 -1.18 -14.22
N LYS A 4 0.87 -1.80 -13.92
CA LYS A 4 1.22 -2.12 -12.54
C LYS A 4 1.58 -0.87 -11.76
N ASN A 5 2.07 0.14 -12.46
CA ASN A 5 2.45 1.40 -11.84
C ASN A 5 1.31 1.95 -10.98
N PHE A 6 0.11 1.97 -11.53
CA PHE A 6 -1.06 2.47 -10.83
C PHE A 6 -1.29 1.67 -9.54
N TRP A 7 -1.30 0.34 -9.66
CA TRP A 7 -1.52 -0.52 -8.51
C TRP A 7 -0.44 -0.30 -7.45
N SER A 8 0.78 -0.05 -7.90
CA SER A 8 1.90 0.18 -7.00
C SER A 8 1.63 1.38 -6.10
N SER A 9 1.03 2.42 -6.68
CA SER A 9 0.72 3.64 -5.93
C SER A 9 -0.33 3.36 -4.86
N LEU A 10 -1.45 2.79 -5.28
CA LEU A 10 -2.54 2.46 -4.35
C LEU A 10 -2.04 1.61 -3.19
N ARG A 11 -1.27 0.58 -3.52
CA ARG A 11 -0.72 -0.31 -2.51
C ARG A 11 0.02 0.47 -1.42
N LYS A 12 1.03 1.23 -1.84
CA LYS A 12 1.81 2.04 -0.91
C LYS A 12 0.91 2.95 -0.09
N GLY A 13 -0.19 3.39 -0.69
CA GLY A 13 -1.12 4.26 0.01
C GLY A 13 -1.80 3.57 1.17
N PHE A 14 -2.43 2.44 0.89
CA PHE A 14 -3.13 1.68 1.92
C PHE A 14 -2.15 1.11 2.94
N TYR A 15 -0.91 0.89 2.50
CA TYR A 15 0.12 0.35 3.38
C TYR A 15 0.27 1.20 4.63
N ASP A 16 -0.02 2.48 4.52
CA ASP A 16 0.09 3.41 5.64
C ASP A 16 -1.30 3.74 6.20
N GLY A 17 -2.18 2.75 6.19
CA GLY A 17 -3.53 2.96 6.69
C GLY A 17 -3.96 1.88 7.67
N GLU A 18 -3.86 0.63 7.24
CA GLU A 18 -4.24 -0.50 8.09
C GLU A 18 -3.06 -1.00 8.90
N ALA A 19 -1.89 -1.06 8.27
CA ALA A 19 -0.68 -1.50 8.95
C ALA A 19 -0.23 -0.49 9.99
N GLY A 20 -0.61 0.76 9.80
CA GLY A 20 -0.23 1.81 10.73
C GLY A 20 -0.69 1.52 12.15
N ARG A 21 -1.76 0.75 12.27
CA ARG A 21 -2.30 0.39 13.59
C ARG A 21 -1.44 -0.66 14.26
N ALA A 22 -1.04 -1.68 13.50
CA ALA A 22 -0.20 -2.75 14.03
C ALA A 22 0.35 -3.61 12.91
N ILE A 23 1.67 -3.58 12.73
CA ILE A 23 2.33 -4.36 11.69
C ILE A 23 2.37 -5.83 12.05
N ARG A 24 3.04 -6.16 13.15
CA ARG A 24 3.15 -7.53 13.62
C ARG A 24 2.53 -7.69 15.00
N ARG A 25 2.67 -6.67 15.83
CA ARG A 25 2.13 -6.70 17.19
C ARG A 25 0.61 -6.62 17.17
N GLY A 1 4.57 -2.98 -17.46
CA GLY A 1 4.15 -2.36 -18.70
C GLY A 1 3.67 -0.95 -18.50
N ALA A 2 2.60 -0.78 -17.73
CA ALA A 2 2.05 0.54 -17.46
C ALA A 2 0.85 0.46 -16.52
N TRP A 3 0.09 -0.62 -16.64
CA TRP A 3 -1.08 -0.82 -15.79
C TRP A 3 -0.67 -1.18 -14.38
N LYS A 4 0.40 -1.96 -14.25
CA LYS A 4 0.91 -2.38 -12.95
C LYS A 4 1.37 -1.18 -12.13
N ASN A 5 1.91 -0.17 -12.82
CA ASN A 5 2.39 1.03 -12.16
C ASN A 5 1.33 1.63 -11.25
N PHE A 6 0.10 1.72 -11.77
CA PHE A 6 -1.01 2.26 -11.01
C PHE A 6 -1.23 1.49 -9.71
N TRP A 7 -1.20 0.16 -9.82
CA TRP A 7 -1.39 -0.70 -8.66
C TRP A 7 -0.32 -0.44 -7.60
N SER A 8 0.91 -0.24 -8.06
CA SER A 8 2.03 0.01 -7.15
C SER A 8 1.75 1.23 -6.29
N SER A 9 1.10 2.23 -6.87
CA SER A 9 0.78 3.46 -6.15
C SER A 9 -0.21 3.18 -5.02
N LEU A 10 -1.34 2.58 -5.37
CA LEU A 10 -2.37 2.25 -4.39
C LEU A 10 -1.79 1.42 -3.25
N ARG A 11 -0.84 0.56 -3.57
CA ARG A 11 -0.20 -0.28 -2.57
C ARG A 11 0.35 0.55 -1.42
N LYS A 12 1.05 1.62 -1.75
CA LYS A 12 1.63 2.51 -0.74
C LYS A 12 0.55 3.07 0.17
N GLY A 13 -0.58 3.42 -0.41
CA GLY A 13 -1.68 3.96 0.38
C GLY A 13 -2.16 3.00 1.44
N PHE A 14 -2.45 1.77 1.04
CA PHE A 14 -2.92 0.74 1.97
C PHE A 14 -1.83 0.37 2.97
N TYR A 15 -0.58 0.48 2.54
CA TYR A 15 0.56 0.14 3.40
C TYR A 15 0.48 0.92 4.71
N ASP A 16 -0.06 2.12 4.66
CA ASP A 16 -0.19 2.96 5.85
C ASP A 16 -1.66 3.08 6.26
N GLY A 17 -2.45 2.08 5.91
CA GLY A 17 -3.86 2.08 6.26
C GLY A 17 -4.22 1.01 7.28
N GLU A 18 -3.89 -0.23 6.96
CA GLU A 18 -4.19 -1.34 7.85
C GLU A 18 -3.01 -1.61 8.79
N ALA A 19 -1.80 -1.51 8.26
CA ALA A 19 -0.60 -1.74 9.05
C ALA A 19 -0.34 -0.58 10.01
N GLY A 20 -0.87 0.59 9.67
CA GLY A 20 -0.68 1.76 10.52
C GLY A 20 -1.16 1.52 11.93
N ARG A 21 -2.10 0.60 12.10
CA ARG A 21 -2.63 0.29 13.42
C ARG A 21 -1.64 -0.52 14.23
N ALA A 22 -1.12 -1.59 13.63
CA ALA A 22 -0.15 -2.45 14.30
C ALA A 22 0.67 -3.24 13.29
N ILE A 23 1.98 -3.08 13.34
CA ILE A 23 2.87 -3.80 12.43
C ILE A 23 3.25 -5.16 12.99
N ARG A 24 3.95 -5.16 14.12
CA ARG A 24 4.37 -6.41 14.76
C ARG A 24 3.69 -6.59 16.11
N ARG A 25 3.92 -5.63 17.01
CA ARG A 25 3.33 -5.69 18.34
C ARG A 25 3.62 -7.03 19.01
N GLY A 1 5.26 -2.53 -19.27
CA GLY A 1 4.54 -2.17 -18.06
C GLY A 1 3.80 -0.86 -18.20
N ALA A 2 2.65 -0.75 -17.53
CA ALA A 2 1.84 0.46 -17.58
C ALA A 2 0.62 0.34 -16.69
N TRP A 3 0.07 -0.86 -16.61
CA TRP A 3 -1.12 -1.11 -15.79
C TRP A 3 -0.73 -1.37 -14.34
N LYS A 4 0.40 -2.04 -14.15
CA LYS A 4 0.89 -2.35 -12.81
C LYS A 4 1.30 -1.08 -12.07
N ASN A 5 1.68 -0.05 -12.83
CA ASN A 5 2.11 1.21 -12.24
C ASN A 5 1.03 1.76 -11.30
N PHE A 6 -0.20 1.81 -11.79
CA PHE A 6 -1.31 2.31 -11.00
C PHE A 6 -1.43 1.57 -9.68
N TRP A 7 -1.36 0.25 -9.74
CA TRP A 7 -1.44 -0.59 -8.55
C TRP A 7 -0.31 -0.28 -7.58
N SER A 8 0.85 0.08 -8.13
CA SER A 8 2.02 0.40 -7.32
C SER A 8 1.74 1.59 -6.42
N SER A 9 1.01 2.57 -6.95
CA SER A 9 0.67 3.77 -6.18
C SER A 9 -0.26 3.44 -5.02
N LEU A 10 -1.38 2.79 -5.34
CA LEU A 10 -2.35 2.41 -4.32
C LEU A 10 -1.69 1.64 -3.19
N ARG A 11 -0.73 0.78 -3.55
CA ARG A 11 -0.01 -0.01 -2.57
C ARG A 11 0.54 0.86 -1.44
N LYS A 12 1.24 1.92 -1.82
CA LYS A 12 1.83 2.84 -0.84
C LYS A 12 0.73 3.48 0.01
N GLY A 13 -0.43 3.72 -0.60
CA GLY A 13 -1.53 4.33 0.11
C GLY A 13 -2.02 3.48 1.27
N PHE A 14 -2.34 2.22 0.98
CA PHE A 14 -2.82 1.30 2.00
C PHE A 14 -1.72 0.97 3.00
N TYR A 15 -0.48 1.00 2.54
CA TYR A 15 0.66 0.70 3.39
C TYR A 15 0.65 1.57 4.65
N ASP A 16 0.07 2.76 4.53
CA ASP A 16 -0.02 3.68 5.66
C ASP A 16 -1.47 3.83 6.12
N GLY A 17 -2.19 2.73 6.17
CA GLY A 17 -3.57 2.76 6.60
C GLY A 17 -3.89 1.66 7.59
N GLU A 18 -3.63 0.41 7.21
CA GLU A 18 -3.90 -0.73 8.08
C GLU A 18 -2.70 -1.04 8.96
N ALA A 19 -1.51 -1.02 8.35
CA ALA A 19 -0.28 -1.31 9.08
C ALA A 19 0.12 -0.12 9.95
N GLY A 20 -0.32 1.07 9.57
CA GLY A 20 0.00 2.26 10.33
C GLY A 20 -0.44 2.16 11.79
N ARG A 21 -1.57 1.50 12.01
CA ARG A 21 -2.09 1.33 13.36
C ARG A 21 -1.44 0.15 14.06
N ALA A 22 -1.19 -0.92 13.30
CA ALA A 22 -0.57 -2.11 13.85
C ALA A 22 0.09 -2.94 12.76
N ILE A 23 1.38 -3.21 12.92
CA ILE A 23 2.12 -3.99 11.94
C ILE A 23 2.25 -5.44 12.37
N ARG A 24 2.90 -5.66 13.52
CA ARG A 24 3.08 -7.00 14.06
C ARG A 24 2.30 -7.19 15.35
N ARG A 25 2.41 -6.21 16.25
CA ARG A 25 1.72 -6.27 17.53
C ARG A 25 0.25 -5.89 17.37
#